data_1QIX
#
_entry.id   1QIX
#
_cell.length_a   51.282
_cell.length_b   58.240
_cell.length_c   75.437
_cell.angle_alpha   90.00
_cell.angle_beta   90.00
_cell.angle_gamma   90.00
#
_symmetry.space_group_name_H-M   'P 21 21 21'
#
loop_
_entity.id
_entity.type
_entity.pdbx_description
1 polymer BETA-CASOMORPHIN-7
2 polymer ELASTASE
3 non-polymer 'CALCIUM ION'
4 non-polymer 'SULFATE ION'
5 water water
#
loop_
_entity_poly.entity_id
_entity_poly.type
_entity_poly.pdbx_seq_one_letter_code
_entity_poly.pdbx_strand_id
1 'polypeptide(L)' YPFVEPI A
2 'polypeptide(L)'
;VVGGTEAQRNSWPSQISLQYRSGSSWAHTCGGTLIRQNWVMTAAHCVDRELTFRVVVGEHNLNQNNGTEQYVGVQKIVVH
PYWNTDDVAAGYDIALLRLAQSVTLNSYVQLGVLPRAGTILANNSPCYITGWGLTRTNGQLAQTLQQAYLPTVDYAICSS
SSYWGSTVKNSMVCAGGDGVRSGCQGDSGGPLHCLVNGQYAVHGVTSFVSRLGCNVTRKPTVFTRVSAYISWINNVIASN
;
B
#
# COMPACT_ATOMS: atom_id res chain seq x y z
N VAL A 4 10.69 -1.61 14.33
CA VAL A 4 9.64 -1.54 13.25
C VAL A 4 9.24 -2.90 12.71
N GLU A 5 7.95 -2.95 12.37
CA GLU A 5 7.33 -4.15 11.82
C GLU A 5 6.74 -3.95 10.44
N PRO A 6 7.35 -4.47 9.38
CA PRO A 6 6.82 -4.41 8.01
C PRO A 6 5.41 -4.95 8.01
N ILE A 7 4.43 -4.34 7.33
CA ILE A 7 3.08 -4.89 7.43
C ILE A 7 2.52 -5.01 6.00
N VAL B 1 -6.43 -3.66 8.08
CA VAL B 1 -6.83 -2.28 8.55
C VAL B 1 -7.54 -2.41 9.92
N VAL B 2 -6.98 -1.80 10.96
CA VAL B 2 -7.65 -1.87 12.27
C VAL B 2 -8.61 -0.65 12.37
N GLY B 3 -9.79 -0.85 12.96
CA GLY B 3 -10.67 0.32 13.06
C GLY B 3 -11.23 0.83 11.73
N GLY B 4 -11.36 -0.03 10.72
CA GLY B 4 -11.85 0.41 9.43
C GLY B 4 -13.35 0.13 9.28
N THR B 5 -13.91 0.49 8.13
CA THR B 5 -15.28 0.17 7.80
C THR B 5 -15.20 -0.51 6.44
N GLU B 6 -16.21 -1.27 6.02
CA GLU B 6 -16.18 -1.96 4.77
C GLU B 6 -16.31 -0.92 3.66
N ALA B 7 -15.42 -0.99 2.68
CA ALA B 7 -15.47 -0.05 1.56
C ALA B 7 -16.56 -0.42 0.56
N GLN B 8 -17.12 0.58 -0.10
CA GLN B 8 -18.10 0.25 -1.18
C GLN B 8 -17.35 -0.44 -2.31
N ARG B 9 -17.89 -1.39 -3.07
CA ARG B 9 -17.10 -2.11 -4.08
C ARG B 9 -16.55 -1.29 -5.23
N ASN B 10 -17.00 -0.09 -5.53
CA ASN B 10 -16.47 0.72 -6.60
C ASN B 10 -15.76 1.99 -6.14
N SER B 11 -15.39 2.06 -4.87
CA SER B 11 -14.77 3.29 -4.36
C SER B 11 -13.29 3.44 -4.66
N TRP B 12 -12.57 2.30 -4.63
CA TRP B 12 -11.08 2.41 -4.78
C TRP B 12 -10.63 1.41 -5.82
N PRO B 13 -11.01 1.63 -7.06
CA PRO B 13 -10.77 0.70 -8.16
C PRO B 13 -9.32 0.49 -8.51
N SER B 14 -8.33 1.23 -7.97
CA SER B 14 -6.94 0.94 -8.28
C SER B 14 -6.32 -0.08 -7.34
N GLN B 15 -7.05 -0.39 -6.25
CA GLN B 15 -6.53 -1.33 -5.27
C GLN B 15 -6.40 -2.73 -5.82
N ILE B 16 -5.27 -3.34 -5.63
CA ILE B 16 -5.07 -4.75 -6.04
C ILE B 16 -4.75 -5.66 -4.86
N SER B 17 -4.96 -6.98 -4.96
CA SER B 17 -4.59 -7.94 -3.96
C SER B 17 -3.38 -8.69 -4.57
N LEU B 18 -2.29 -8.73 -3.87
CA LEU B 18 -1.09 -9.45 -4.27
C LEU B 18 -1.06 -10.75 -3.49
N GLN B 19 -1.07 -11.87 -4.23
CA GLN B 19 -1.21 -13.19 -3.65
C GLN B 19 -0.07 -14.15 -4.05
N TYR B 20 0.22 -15.13 -3.19
CA TYR B 20 1.33 -16.04 -3.57
C TYR B 20 0.75 -17.47 -3.50
N ARG B 21 1.36 -18.35 -4.27
CA ARG B 21 0.83 -19.70 -4.39
C ARG B 21 1.26 -20.45 -3.14
N SER B 22 0.33 -21.11 -2.51
CA SER B 22 0.56 -21.82 -1.26
C SER B 22 -0.04 -23.21 -1.43
N GLY B 23 0.78 -24.20 -1.78
CA GLY B 23 0.24 -25.55 -2.01
C GLY B 23 -0.68 -25.53 -3.23
N SER B 24 -1.95 -25.84 -3.04
CA SER B 24 -2.91 -25.84 -4.16
C SER B 24 -3.79 -24.60 -4.16
N SER B 25 -3.51 -23.64 -3.28
CA SER B 25 -4.31 -22.41 -3.31
C SER B 25 -3.40 -21.18 -3.31
N TRP B 26 -3.99 -20.02 -3.32
CA TRP B 26 -3.30 -18.73 -3.37
C TRP B 26 -3.68 -17.97 -2.09
N ALA B 27 -2.75 -17.30 -1.47
CA ALA B 27 -3.05 -16.59 -0.23
C ALA B 27 -2.75 -15.10 -0.41
N HIS B 28 -3.62 -14.26 0.14
CA HIS B 28 -3.35 -12.82 0.00
C HIS B 28 -2.14 -12.48 0.87
N THR B 29 -1.18 -11.70 0.39
CA THR B 29 -0.08 -11.34 1.26
C THR B 29 0.06 -9.81 1.33
N CYS B 30 -0.30 -9.04 0.31
CA CYS B 30 -0.06 -7.58 0.39
C CYS B 30 -1.01 -6.85 -0.55
N GLY B 31 -1.03 -5.53 -0.42
CA GLY B 31 -1.88 -4.77 -1.35
C GLY B 31 -0.96 -4.23 -2.46
N GLY B 32 -1.51 -3.44 -3.33
CA GLY B 32 -0.75 -2.78 -4.40
C GLY B 32 -1.69 -1.78 -5.09
N THR B 33 -1.13 -0.97 -5.98
CA THR B 33 -1.92 -0.02 -6.74
C THR B 33 -1.68 -0.28 -8.24
N LEU B 34 -2.74 -0.39 -9.00
CA LEU B 34 -2.58 -0.54 -10.47
C LEU B 34 -2.20 0.81 -11.03
N ILE B 35 -1.01 0.97 -11.63
CA ILE B 35 -0.62 2.30 -12.12
C ILE B 35 -0.57 2.34 -13.65
N ARG B 36 -0.56 1.20 -14.32
CA ARG B 36 -0.69 1.18 -15.80
C ARG B 36 -1.51 -0.07 -16.08
N GLN B 37 -2.00 -0.32 -17.29
CA GLN B 37 -2.77 -1.57 -17.45
C GLN B 37 -1.96 -2.81 -17.24
N ASN B 38 -0.61 -2.70 -17.31
CA ASN B 38 0.23 -3.85 -17.08
C ASN B 38 1.34 -3.61 -16.04
N TRP B 39 1.13 -2.71 -15.08
CA TRP B 39 2.09 -2.41 -14.04
C TRP B 39 1.38 -2.09 -12.71
N VAL B 40 1.93 -2.69 -11.69
CA VAL B 40 1.40 -2.50 -10.32
C VAL B 40 2.52 -1.95 -9.46
N MET B 41 2.19 -1.05 -8.54
CA MET B 41 3.15 -0.51 -7.59
C MET B 41 2.87 -1.15 -6.22
N THR B 42 3.93 -1.65 -5.58
CA THR B 42 3.69 -2.29 -4.26
C THR B 42 4.94 -2.02 -3.42
N ALA B 43 5.04 -2.61 -2.25
CA ALA B 43 6.22 -2.44 -1.41
C ALA B 43 7.27 -3.46 -1.78
N ALA B 44 8.55 -3.07 -1.73
CA ALA B 44 9.60 -4.06 -2.03
C ALA B 44 9.58 -5.21 -1.03
N HIS B 45 9.24 -4.95 0.25
CA HIS B 45 9.33 -6.07 1.19
C HIS B 45 8.28 -7.14 0.92
N CYS B 46 7.21 -6.86 0.19
CA CYS B 46 6.21 -7.83 -0.11
C CYS B 46 6.73 -8.83 -1.19
N VAL B 47 7.73 -8.42 -1.94
CA VAL B 47 8.23 -9.29 -3.03
C VAL B 47 9.63 -9.83 -2.75
N ASP B 48 10.15 -9.77 -1.56
CA ASP B 48 11.44 -10.28 -1.16
C ASP B 48 11.56 -11.79 -1.26
N ARG B 49 10.52 -12.54 -0.94
CA ARG B 49 10.55 -13.97 -0.92
C ARG B 49 10.62 -14.50 -2.36
N GLU B 50 11.16 -15.71 -2.47
CA GLU B 50 11.23 -16.40 -3.75
C GLU B 50 9.91 -17.16 -3.91
N LEU B 51 8.80 -16.49 -4.12
CA LEU B 51 7.48 -17.11 -4.22
C LEU B 51 6.91 -16.84 -5.60
N THR B 52 5.84 -17.52 -5.96
CA THR B 52 5.18 -17.25 -7.24
C THR B 52 4.04 -16.26 -6.88
N PHE B 53 3.96 -15.13 -7.55
CA PHE B 53 2.93 -14.15 -7.23
C PHE B 53 1.91 -14.05 -8.34
N ARG B 54 0.71 -13.63 -7.96
CA ARG B 54 -0.29 -13.28 -8.96
C ARG B 54 -0.96 -12.00 -8.42
N VAL B 55 -1.60 -11.28 -9.33
CA VAL B 55 -2.28 -10.06 -8.97
C VAL B 55 -3.78 -10.27 -9.23
N VAL B 56 -4.61 -9.80 -8.33
CA VAL B 56 -6.06 -9.84 -8.51
C VAL B 56 -6.58 -8.40 -8.55
N VAL B 57 -7.25 -8.06 -9.65
CA VAL B 57 -7.83 -6.70 -9.75
C VAL B 57 -9.35 -6.83 -9.76
N GLY B 58 -10.08 -5.80 -9.34
CA GLY B 58 -11.56 -5.90 -9.33
C GLY B 58 -12.06 -6.76 -8.19
N GLU B 59 -11.21 -6.92 -7.15
CA GLU B 59 -11.53 -7.81 -6.04
C GLU B 59 -12.28 -7.05 -4.95
N HIS B 60 -13.14 -7.71 -4.19
CA HIS B 60 -13.82 -7.05 -3.06
C HIS B 60 -13.82 -8.02 -1.90
N ASN B 61 -14.34 -9.27 -2.07
CA ASN B 61 -14.36 -10.25 -1.01
C ASN B 61 -13.37 -11.31 -1.45
N LEU B 62 -12.34 -11.51 -0.64
CA LEU B 62 -11.33 -12.49 -1.03
C LEU B 62 -11.82 -13.94 -1.09
N ASN B 63 -12.88 -14.28 -0.37
CA ASN B 63 -13.34 -15.65 -0.25
C ASN B 63 -14.58 -15.96 -1.06
N GLN B 64 -15.12 -15.05 -1.84
CA GLN B 64 -16.33 -15.29 -2.60
C GLN B 64 -16.16 -14.70 -4.00
N ASN B 65 -16.87 -15.26 -4.96
CA ASN B 65 -16.87 -14.76 -6.31
C ASN B 65 -17.69 -13.46 -6.34
N ASN B 66 -17.03 -12.37 -6.72
CA ASN B 66 -17.63 -11.07 -6.80
C ASN B 66 -18.21 -10.84 -8.18
N GLY B 67 -17.68 -11.60 -9.15
CA GLY B 67 -18.14 -11.44 -10.54
C GLY B 67 -17.40 -10.34 -11.24
N THR B 68 -16.34 -9.77 -10.65
CA THR B 68 -15.67 -8.63 -11.31
C THR B 68 -14.15 -8.84 -11.34
N GLU B 69 -13.69 -9.95 -10.79
CA GLU B 69 -12.25 -10.14 -10.66
C GLU B 69 -11.54 -10.44 -11.96
N GLN B 70 -10.25 -10.08 -12.10
CA GLN B 70 -9.40 -10.50 -13.19
C GLN B 70 -8.10 -11.00 -12.54
N TYR B 71 -7.62 -12.17 -12.95
CA TYR B 71 -6.43 -12.76 -12.31
C TYR B 71 -5.27 -12.74 -13.30
N VAL B 72 -4.13 -12.22 -12.87
CA VAL B 72 -3.05 -12.02 -13.85
C VAL B 72 -1.74 -12.38 -13.17
N GLY B 73 -0.89 -13.06 -13.94
CA GLY B 73 0.43 -13.42 -13.42
C GLY B 73 1.41 -12.26 -13.47
N VAL B 74 2.48 -12.39 -12.68
CA VAL B 74 3.54 -11.39 -12.67
C VAL B 74 4.73 -11.88 -13.52
N GLN B 75 5.10 -11.06 -14.47
CA GLN B 75 6.17 -11.35 -15.39
C GLN B 75 7.55 -10.84 -14.99
N LYS B 76 7.63 -9.68 -14.33
CA LYS B 76 8.91 -9.15 -13.95
C LYS B 76 8.77 -8.36 -12.67
N ILE B 77 9.69 -8.50 -11.73
CA ILE B 77 9.62 -7.73 -10.51
C ILE B 77 10.81 -6.77 -10.50
N VAL B 78 10.57 -5.49 -10.34
CA VAL B 78 11.67 -4.51 -10.25
C VAL B 78 11.59 -3.81 -8.90
N VAL B 79 12.54 -4.14 -8.06
CA VAL B 79 12.63 -3.57 -6.70
C VAL B 79 13.57 -2.37 -6.73
N HIS B 80 13.34 -1.35 -5.92
CA HIS B 80 14.21 -0.19 -5.92
C HIS B 80 15.65 -0.65 -5.67
N PRO B 81 16.63 -0.20 -6.45
CA PRO B 81 18.01 -0.63 -6.27
C PRO B 81 18.59 -0.39 -4.90
N TYR B 82 18.12 0.57 -4.10
CA TYR B 82 18.65 0.82 -2.78
C TYR B 82 17.93 0.10 -1.67
N TRP B 83 16.86 -0.62 -1.98
CA TRP B 83 16.13 -1.36 -0.95
C TRP B 83 17.04 -2.34 -0.24
N ASN B 84 16.92 -2.39 1.06
CA ASN B 84 17.76 -3.37 1.79
C ASN B 84 16.82 -4.06 2.78
N THR B 85 16.57 -5.33 2.61
CA THR B 85 15.67 -6.10 3.45
C THR B 85 15.97 -6.06 4.93
N ASP B 86 17.22 -5.91 5.35
CA ASP B 86 17.55 -5.82 6.76
C ASP B 86 17.42 -4.42 7.37
N ASP B 87 17.02 -3.40 6.58
CA ASP B 87 16.90 -2.06 7.09
C ASP B 87 15.61 -1.44 6.51
N VAL B 88 14.42 -1.87 6.92
CA VAL B 88 13.19 -1.25 6.38
C VAL B 88 13.12 0.24 6.68
N ALA B 89 13.62 0.66 7.84
CA ALA B 89 13.69 2.02 8.32
C ALA B 89 14.53 2.92 7.43
N ALA B 90 15.44 2.39 6.63
CA ALA B 90 16.20 3.11 5.63
C ALA B 90 15.32 3.63 4.49
N GLY B 91 14.14 3.07 4.23
CA GLY B 91 13.24 3.55 3.19
C GLY B 91 13.43 2.74 1.92
N TYR B 92 13.08 3.27 0.76
CA TYR B 92 13.16 2.60 -0.53
C TYR B 92 12.26 1.37 -0.57
N ASP B 93 11.20 1.35 0.25
CA ASP B 93 10.30 0.16 0.26
C ASP B 93 9.23 0.35 -0.83
N ILE B 94 9.68 0.07 -2.06
CA ILE B 94 8.79 0.27 -3.22
C ILE B 94 9.27 -0.69 -4.30
N ALA B 95 8.31 -1.19 -5.10
CA ALA B 95 8.65 -2.12 -6.16
C ALA B 95 7.61 -2.03 -7.27
N LEU B 96 8.02 -2.35 -8.48
CA LEU B 96 7.09 -2.30 -9.62
C LEU B 96 6.99 -3.72 -10.21
N LEU B 97 5.77 -4.14 -10.48
CA LEU B 97 5.52 -5.47 -11.02
C LEU B 97 4.93 -5.32 -12.43
N ARG B 98 5.57 -5.97 -13.40
CA ARG B 98 5.07 -5.96 -14.76
C ARG B 98 4.19 -7.22 -14.90
N LEU B 99 2.92 -6.99 -15.24
CA LEU B 99 1.98 -8.07 -15.34
C LEU B 99 2.11 -8.84 -16.66
N ALA B 100 1.71 -10.11 -16.65
CA ALA B 100 1.87 -10.93 -17.85
C ALA B 100 0.92 -10.48 -18.97
N GLN B 101 -0.25 -9.96 -18.68
CA GLN B 101 -1.19 -9.48 -19.67
C GLN B 101 -1.69 -8.11 -19.17
N SER B 102 -2.21 -7.27 -20.05
CA SER B 102 -2.78 -5.99 -19.64
C SER B 102 -4.17 -6.29 -19.12
N VAL B 103 -4.63 -5.68 -18.04
CA VAL B 103 -5.99 -5.92 -17.56
C VAL B 103 -6.95 -4.99 -18.32
N THR B 104 -8.24 -5.30 -18.24
CA THR B 104 -9.27 -4.49 -18.83
C THR B 104 -9.82 -3.51 -17.82
N LEU B 105 -9.90 -2.25 -18.19
CA LEU B 105 -10.41 -1.23 -17.30
C LEU B 105 -11.92 -1.13 -17.33
N ASN B 106 -12.54 -0.88 -16.19
CA ASN B 106 -13.99 -0.74 -16.11
C ASN B 106 -14.35 -0.03 -14.82
N SER B 107 -15.55 -0.08 -14.26
CA SER B 107 -15.85 0.58 -13.00
C SER B 107 -15.07 0.05 -11.82
N TYR B 108 -14.68 -1.22 -11.87
CA TYR B 108 -14.03 -1.81 -10.69
C TYR B 108 -12.51 -1.81 -10.86
N VAL B 109 -12.02 -1.52 -12.05
CA VAL B 109 -10.58 -1.61 -12.34
C VAL B 109 -10.13 -0.32 -13.05
N GLN B 110 -9.42 0.55 -12.36
CA GLN B 110 -8.95 1.81 -12.92
C GLN B 110 -7.52 2.06 -12.45
N LEU B 111 -6.87 2.97 -13.17
CA LEU B 111 -5.51 3.31 -12.75
C LEU B 111 -5.58 4.30 -11.59
N GLY B 112 -4.61 4.15 -10.69
CA GLY B 112 -4.41 5.03 -9.56
C GLY B 112 -3.70 6.29 -10.06
N VAL B 113 -4.10 7.45 -9.53
CA VAL B 113 -3.49 8.71 -9.93
C VAL B 113 -2.29 9.04 -9.04
N LEU B 114 -1.14 9.31 -9.62
CA LEU B 114 0.09 9.58 -8.86
C LEU B 114 0.28 11.08 -8.73
N PRO B 115 0.79 11.55 -7.59
CA PRO B 115 1.04 12.95 -7.36
C PRO B 115 2.18 13.43 -8.21
N ARG B 116 2.30 14.77 -8.28
CA ARG B 116 3.47 15.35 -8.97
C ARG B 116 4.70 15.13 -8.11
N ALA B 117 5.84 14.93 -8.73
CA ALA B 117 7.10 14.72 -7.99
C ALA B 117 7.42 15.81 -6.98
N GLY B 118 7.81 15.43 -5.77
CA GLY B 118 8.21 16.38 -4.73
C GLY B 118 7.08 16.90 -3.85
N THR B 119 5.83 16.62 -4.20
CA THR B 119 4.70 17.13 -3.44
C THR B 119 4.67 16.59 -2.03
N ILE B 120 4.55 17.47 -1.07
CA ILE B 120 4.45 17.12 0.35
C ILE B 120 3.09 17.58 0.84
N LEU B 121 2.36 16.82 1.63
CA LEU B 121 1.05 17.29 2.08
C LEU B 121 1.14 18.05 3.38
N ALA B 122 0.20 18.97 3.58
CA ALA B 122 0.17 19.71 4.85
C ALA B 122 -0.24 18.75 5.97
N ASN B 123 0.11 19.10 7.20
CA ASN B 123 -0.21 18.33 8.38
C ASN B 123 -1.74 18.14 8.42
N ASN B 124 -2.19 16.97 8.83
CA ASN B 124 -3.60 16.68 8.93
C ASN B 124 -4.34 16.64 7.62
N SER B 125 -3.73 16.23 6.50
CA SER B 125 -4.44 16.16 5.23
C SER B 125 -5.30 14.90 5.25
N PRO B 126 -6.47 15.00 4.66
CA PRO B 126 -7.46 13.93 4.65
C PRO B 126 -7.06 12.82 3.72
N CYS B 127 -6.86 11.62 4.27
CA CYS B 127 -6.43 10.50 3.45
C CYS B 127 -7.15 9.24 4.00
N TYR B 128 -7.20 8.21 3.17
CA TYR B 128 -7.77 6.93 3.57
C TYR B 128 -6.77 5.80 3.28
N ILE B 129 -6.70 4.83 4.21
CA ILE B 129 -5.89 3.66 3.92
C ILE B 129 -6.85 2.56 3.49
N THR B 130 -6.54 1.71 2.53
CA THR B 130 -7.43 0.58 2.21
C THR B 130 -6.65 -0.74 2.15
N GLY B 131 -7.27 -1.88 2.47
CA GLY B 131 -6.58 -3.18 2.38
C GLY B 131 -7.43 -4.28 3.05
N TRP B 132 -6.97 -5.50 2.87
CA TRP B 132 -7.57 -6.70 3.44
C TRP B 132 -6.73 -7.19 4.65
N GLY B 133 -5.87 -6.32 5.19
CA GLY B 133 -5.01 -6.74 6.28
C GLY B 133 -5.79 -7.03 7.55
N LEU B 134 -5.02 -7.53 8.52
CA LEU B 134 -5.55 -7.88 9.83
C LEU B 134 -6.37 -6.71 10.40
N THR B 135 -7.49 -7.08 11.03
CA THR B 135 -8.40 -6.12 11.59
C THR B 135 -8.16 -5.82 13.06
N ARG B 136 -7.21 -6.55 13.63
CA ARG B 136 -6.72 -6.33 14.97
C ARG B 136 -5.27 -6.74 15.07
N THR B 137 -4.44 -6.18 15.92
CA THR B 137 -3.08 -6.68 16.07
C THR B 137 -3.14 -8.18 16.40
N ASN B 138 -2.35 -8.99 15.73
CA ASN B 138 -2.34 -10.44 15.91
C ASN B 138 -3.74 -11.04 15.68
N GLY B 139 -4.55 -10.42 14.83
CA GLY B 139 -5.90 -10.90 14.53
C GLY B 139 -5.93 -11.68 13.21
N GLN B 140 -6.97 -11.54 12.43
CA GLN B 140 -7.08 -12.25 11.15
C GLN B 140 -7.36 -11.26 9.99
N LEU B 141 -7.11 -11.74 8.77
CA LEU B 141 -7.36 -10.87 7.60
C LEU B 141 -8.84 -10.58 7.48
N ALA B 142 -9.15 -9.45 6.85
CA ALA B 142 -10.56 -9.11 6.56
C ALA B 142 -10.96 -9.92 5.34
N GLN B 143 -12.21 -10.32 5.18
CA GLN B 143 -12.64 -10.94 3.94
C GLN B 143 -12.97 -9.87 2.91
N THR B 144 -13.51 -8.73 3.36
CA THR B 144 -13.92 -7.67 2.43
C THR B 144 -13.01 -6.44 2.55
N LEU B 145 -12.80 -5.72 1.44
CA LEU B 145 -11.88 -4.56 1.54
C LEU B 145 -12.32 -3.60 2.62
N GLN B 146 -11.44 -3.12 3.50
CA GLN B 146 -11.73 -2.18 4.53
C GLN B 146 -11.04 -0.83 4.15
N GLN B 147 -11.60 0.21 4.70
CA GLN B 147 -11.02 1.56 4.61
C GLN B 147 -11.02 2.25 5.97
N ALA B 148 -10.01 3.09 6.25
CA ALA B 148 -10.06 3.86 7.49
C ALA B 148 -9.52 5.26 7.19
N TYR B 149 -10.17 6.22 7.85
CA TYR B 149 -9.70 7.62 7.65
C TYR B 149 -8.42 7.81 8.42
N LEU B 150 -7.34 8.24 7.80
CA LEU B 150 -6.06 8.37 8.48
C LEU B 150 -5.35 9.66 8.00
N PRO B 151 -5.57 10.73 8.71
CA PRO B 151 -5.01 12.03 8.36
C PRO B 151 -3.50 12.01 8.53
N THR B 152 -2.80 12.79 7.70
CA THR B 152 -1.36 12.77 7.76
C THR B 152 -0.84 13.43 9.04
N VAL B 153 0.39 13.04 9.36
CA VAL B 153 1.16 13.62 10.45
C VAL B 153 2.45 14.10 9.77
N ASP B 154 2.65 15.43 9.73
CA ASP B 154 3.80 15.88 8.94
C ASP B 154 5.15 15.37 9.48
N TYR B 155 6.16 15.50 8.62
CA TYR B 155 7.47 15.08 8.97
C TYR B 155 8.00 15.64 10.27
N ALA B 156 7.87 16.93 10.53
CA ALA B 156 8.37 17.56 11.74
C ALA B 156 7.78 16.93 13.00
N ILE B 157 6.49 16.66 13.01
CA ILE B 157 5.87 16.05 14.17
C ILE B 157 6.23 14.57 14.21
N CYS B 158 6.14 13.90 13.03
CA CYS B 158 6.35 12.46 13.02
C CYS B 158 7.77 12.05 13.40
N SER B 159 8.75 12.87 13.07
CA SER B 159 10.15 12.58 13.41
C SER B 159 10.52 13.11 14.80
N SER B 160 9.58 13.60 15.58
CA SER B 160 9.90 14.07 16.93
C SER B 160 10.01 12.86 17.85
N SER B 161 10.62 13.07 19.01
CA SER B 161 10.90 11.96 19.91
C SER B 161 9.69 11.22 20.45
N SER B 162 8.53 11.82 20.64
CA SER B 162 7.39 11.09 21.19
C SER B 162 6.70 10.25 20.10
N TYR B 163 6.99 10.54 18.84
CA TYR B 163 6.43 9.76 17.73
C TYR B 163 7.41 8.72 17.30
N TRP B 164 7.91 8.82 16.05
CA TRP B 164 8.83 7.83 15.53
C TRP B 164 10.27 8.26 15.66
N GLY B 165 10.54 9.51 16.03
CA GLY B 165 11.98 9.86 16.14
C GLY B 165 12.70 9.72 14.80
N SER B 166 13.95 9.30 14.80
CA SER B 166 14.84 9.13 13.67
C SER B 166 14.53 7.97 12.74
N THR B 167 13.67 7.06 13.18
CA THR B 167 13.25 5.95 12.37
C THR B 167 12.55 6.45 11.12
N VAL B 168 11.78 7.51 11.14
CA VAL B 168 11.04 7.97 9.95
C VAL B 168 11.97 8.89 9.16
N LYS B 169 11.94 8.84 7.84
CA LYS B 169 12.79 9.68 7.02
C LYS B 169 11.87 10.61 6.22
N ASN B 170 12.47 11.59 5.56
CA ASN B 170 11.73 12.53 4.72
C ASN B 170 11.20 11.84 3.47
N SER B 171 11.65 10.66 3.10
CA SER B 171 11.09 9.91 1.98
C SER B 171 9.86 9.08 2.35
N MET B 172 9.27 9.31 3.53
CA MET B 172 8.12 8.55 4.02
C MET B 172 6.98 9.50 4.40
N VAL B 173 5.76 8.95 4.49
CA VAL B 173 4.63 9.77 4.91
C VAL B 173 4.10 9.12 6.18
N CYS B 174 3.74 9.83 7.20
CA CYS B 174 3.10 9.22 8.36
C CYS B 174 1.60 9.55 8.32
N ALA B 175 0.73 8.64 8.73
CA ALA B 175 -0.68 8.92 8.79
C ALA B 175 -1.30 8.17 9.96
N GLY B 176 -2.25 8.82 10.64
CA GLY B 176 -2.95 8.10 11.74
C GLY B 176 -2.27 8.35 13.08
N GLY B 177 -2.07 7.30 13.86
CA GLY B 177 -1.45 7.37 15.17
C GLY B 177 -2.48 7.69 16.27
N ASP B 178 -3.78 7.55 16.03
CA ASP B 178 -4.78 7.84 17.08
C ASP B 178 -5.02 6.69 18.05
N GLY B 179 -4.34 5.57 17.92
CA GLY B 179 -4.51 4.39 18.76
C GLY B 179 -5.68 3.49 18.44
N VAL B 180 -6.56 3.90 17.53
CA VAL B 180 -7.72 3.18 17.11
C VAL B 180 -7.65 2.67 15.66
N ARG B 181 -7.18 3.54 14.78
CA ARG B 181 -7.11 3.16 13.35
C ARG B 181 -5.68 3.08 12.84
N SER B 182 -5.46 2.16 11.90
CA SER B 182 -4.12 1.95 11.37
C SER B 182 -4.07 0.85 10.31
N GLY B 183 -2.95 0.76 9.61
CA GLY B 183 -2.74 -0.36 8.73
C GLY B 183 -2.28 -1.50 9.65
N CYS B 184 -2.29 -2.71 9.12
CA CYS B 184 -1.79 -3.85 9.93
C CYS B 184 -1.25 -4.86 8.93
N GLN B 185 -0.71 -6.00 9.38
CA GLN B 185 -0.14 -6.97 8.43
C GLN B 185 -1.08 -7.35 7.30
N GLY B 186 -0.57 -7.41 6.04
CA GLY B 186 -1.47 -7.76 4.93
C GLY B 186 -1.95 -6.47 4.20
N ASP B 187 -1.79 -5.30 4.80
CA ASP B 187 -2.09 -4.05 4.12
C ASP B 187 -0.85 -3.54 3.38
N SER B 188 0.36 -3.87 3.82
CA SER B 188 1.60 -3.45 3.18
C SER B 188 1.58 -3.46 1.65
N GLY B 189 2.14 -2.45 1.03
CA GLY B 189 2.22 -2.37 -0.43
C GLY B 189 1.01 -1.58 -0.96
N GLY B 190 -0.07 -1.55 -0.18
CA GLY B 190 -1.28 -0.90 -0.67
C GLY B 190 -1.15 0.62 -0.64
N PRO B 191 -2.20 1.29 -1.11
CA PRO B 191 -2.24 2.72 -1.17
C PRO B 191 -2.68 3.46 0.08
N LEU B 192 -2.23 4.73 0.08
CA LEU B 192 -2.77 5.71 1.03
C LEU B 192 -3.39 6.71 0.01
N HIS B 193 -4.71 6.84 0.01
CA HIS B 193 -5.34 7.72 -1.00
C HIS B 193 -5.57 9.06 -0.34
N CYS B 194 -5.11 10.16 -0.88
CA CYS B 194 -5.29 11.46 -0.25
C CYS B 194 -6.02 12.44 -1.21
N LEU B 195 -6.85 13.27 -0.60
CA LEU B 195 -7.67 14.18 -1.41
C LEU B 195 -6.90 15.48 -1.59
N VAL B 196 -6.59 15.84 -2.83
CA VAL B 196 -5.85 17.03 -3.20
C VAL B 196 -6.53 17.66 -4.43
N ASN B 197 -6.93 18.91 -4.29
CA ASN B 197 -7.62 19.62 -5.39
C ASN B 197 -8.81 18.86 -5.92
N GLY B 198 -9.59 18.26 -5.04
CA GLY B 198 -10.81 17.55 -5.36
C GLY B 198 -10.59 16.18 -5.95
N GLN B 199 -9.37 15.67 -5.99
CA GLN B 199 -9.21 14.36 -6.61
C GLN B 199 -8.36 13.49 -5.66
N TYR B 200 -8.66 12.21 -5.53
CA TYR B 200 -7.91 11.30 -4.67
C TYR B 200 -6.66 10.84 -5.43
N ALA B 201 -5.49 11.00 -4.82
CA ALA B 201 -4.27 10.54 -5.48
C ALA B 201 -3.56 9.57 -4.51
N VAL B 202 -2.74 8.72 -5.04
CA VAL B 202 -2.03 7.74 -4.17
C VAL B 202 -0.71 8.34 -3.72
N HIS B 203 -0.62 8.78 -2.46
CA HIS B 203 0.58 9.45 -1.95
C HIS B 203 1.47 8.49 -1.16
N GLY B 204 0.90 7.35 -0.74
CA GLY B 204 1.74 6.46 0.12
C GLY B 204 1.65 5.02 -0.37
N VAL B 205 2.64 4.19 -0.10
CA VAL B 205 2.65 2.76 -0.27
C VAL B 205 2.86 2.22 1.18
N THR B 206 1.92 1.48 1.71
CA THR B 206 2.00 1.06 3.14
C THR B 206 3.28 0.29 3.44
N SER B 207 4.03 0.71 4.48
CA SER B 207 5.33 0.03 4.68
C SER B 207 5.44 -0.64 6.04
N PHE B 208 5.31 0.11 7.15
CA PHE B 208 5.44 -0.48 8.44
C PHE B 208 4.69 0.20 9.57
N VAL B 209 4.62 -0.52 10.68
CA VAL B 209 3.96 -0.10 11.89
C VAL B 209 4.94 -0.32 13.07
N SER B 210 4.43 -0.16 14.26
CA SER B 210 5.33 -0.34 15.39
C SER B 210 5.49 -1.81 15.76
N ARG B 211 6.56 -2.10 16.50
CA ARG B 211 6.77 -3.46 17.01
C ARG B 211 5.77 -3.67 18.13
N LEU B 212 5.25 -2.64 18.76
CA LEU B 212 4.30 -2.82 19.86
C LEU B 212 2.93 -3.28 19.37
N GLY B 213 2.61 -3.12 18.09
CA GLY B 213 1.27 -3.45 17.58
C GLY B 213 0.92 -2.50 16.43
N CYS B 214 -0.24 -2.78 15.80
CA CYS B 214 -0.64 -1.96 14.66
C CYS B 214 -1.15 -0.60 15.07
N ASN B 215 -2.22 -0.55 15.88
CA ASN B 215 -2.86 0.67 16.29
C ASN B 215 -2.28 1.09 17.65
N VAL B 216 -1.29 1.98 17.59
CA VAL B 216 -0.61 2.43 18.83
C VAL B 216 -0.63 3.95 18.83
N THR B 217 -1.03 4.57 19.96
CA THR B 217 -1.08 6.03 20.07
C THR B 217 0.30 6.60 19.80
N ARG B 218 0.39 7.57 18.91
CA ARG B 218 1.61 8.22 18.54
C ARG B 218 2.60 7.33 17.81
N LYS B 219 2.12 6.25 17.19
CA LYS B 219 2.99 5.50 16.29
C LYS B 219 2.19 5.34 14.98
N PRO B 220 2.01 6.42 14.25
CA PRO B 220 1.27 6.34 13.01
C PRO B 220 1.84 5.28 12.06
N THR B 221 0.92 4.84 11.19
CA THR B 221 1.36 3.89 10.15
C THR B 221 2.29 4.67 9.23
N VAL B 222 3.34 4.01 8.73
CA VAL B 222 4.37 4.67 7.92
C VAL B 222 4.33 4.14 6.49
N PHE B 223 4.33 5.09 5.55
CA PHE B 223 4.26 4.72 4.15
C PHE B 223 5.43 5.21 3.36
N THR B 224 5.77 4.55 2.25
CA THR B 224 6.80 5.13 1.37
C THR B 224 6.19 6.37 0.73
N ARG B 225 6.86 7.52 0.58
CA ARG B 225 6.24 8.69 -0.06
C ARG B 225 6.39 8.53 -1.57
N VAL B 226 5.30 8.30 -2.28
CA VAL B 226 5.29 8.07 -3.70
C VAL B 226 5.95 9.20 -4.48
N SER B 227 5.62 10.46 -4.10
CA SER B 227 6.13 11.65 -4.77
C SER B 227 7.65 11.77 -4.75
N ALA B 228 8.34 11.04 -3.89
CA ALA B 228 9.77 11.01 -3.88
C ALA B 228 10.32 10.11 -4.98
N TYR B 229 9.52 9.26 -5.64
CA TYR B 229 10.02 8.26 -6.56
C TYR B 229 9.45 8.37 -7.96
N ILE B 230 8.81 9.49 -8.31
CA ILE B 230 8.19 9.63 -9.63
C ILE B 230 9.21 9.47 -10.75
N SER B 231 10.41 10.06 -10.64
CA SER B 231 11.40 9.85 -11.71
C SER B 231 11.78 8.40 -11.90
N TRP B 232 12.01 7.71 -10.78
CA TRP B 232 12.34 6.30 -10.84
C TRP B 232 11.21 5.50 -11.44
N ILE B 233 9.94 5.75 -10.97
CA ILE B 233 8.86 4.96 -11.52
C ILE B 233 8.74 5.17 -13.04
N ASN B 234 8.77 6.42 -13.49
CA ASN B 234 8.72 6.67 -14.94
C ASN B 234 9.89 6.07 -15.71
N ASN B 235 11.06 6.08 -15.13
CA ASN B 235 12.26 5.52 -15.81
C ASN B 235 12.13 4.02 -15.99
N VAL B 236 11.57 3.33 -14.99
CA VAL B 236 11.37 1.89 -15.06
C VAL B 236 10.39 1.50 -16.14
N ILE B 237 9.22 2.08 -16.11
CA ILE B 237 8.16 1.74 -17.06
C ILE B 237 8.57 2.03 -18.50
N ALA B 238 9.26 3.13 -18.72
CA ALA B 238 9.73 3.52 -20.05
C ALA B 238 10.77 2.56 -20.62
N SER B 239 11.55 1.84 -19.81
CA SER B 239 12.54 0.92 -20.34
C SER B 239 12.17 -0.55 -20.17
N ASN B 240 10.99 -0.89 -19.68
CA ASN B 240 10.62 -2.29 -19.50
C ASN B 240 9.30 -2.58 -20.20
#